data_3D71
#
_entry.id   3D71
#
_cell.length_a   105.480
_cell.length_b   105.480
_cell.length_c   147.330
_cell.angle_alpha   90.00
_cell.angle_beta   90.00
_cell.angle_gamma   90.00
#
_symmetry.space_group_name_H-M   'P 43 2 2'
#
loop_
_entity.id
_entity.type
_entity.pdbx_description
1 polymer 'BMR promoter DNA'
2 polymer 'Multidrug-efflux transporter 1 regulator'
3 non-polymer 'ZINC ION'
4 non-polymer 'CITRATE ANION'
5 non-polymer S-1,2-PROPANEDIOL
6 non-polymer TRIFLUOROETHANOL
7 non-polymer IMIDAZOLE
8 water water
#
loop_
_entity_poly.entity_id
_entity_poly.type
_entity_poly.pdbx_seq_one_letter_code
_entity_poly.pdbx_strand_id
1 'polydeoxyribonucleotide'
;(DT)(DG)(DA)(DC)(DC)(DC)(DT)(DC)(DC)(DC)(DC)(DT)(DT)(DA)(DG)(DG)(DG)(DG)(DA)(DG)
(DG)(DG)(DT)(DC)
;
M
2 'polypeptide(L)'
;MKESYYSIGEVSKLANVSIKALRYYDKIDLFKPAYVDPDTSYRYYTDSQLIHLDLIKSLKYIGTPLEEMKKAQDLEMEEL
FAFYTEQERQIREKLDFLSALEQTISLVKKRMKRQMEYPALGEVFVLDEEEIRIIQTEAEGIGPENVLNASYSKLKKFIE
SADGFTNNSYGATFSFQPYTSIDEMTYRHIFTPVLTNKQISSITPDMEITTIPKGRYACIAYNFSPEHYFLNLQKLIKYI
ADRQLTVVSDVYQLIIPIHYSPKKQEEYRVEMKIRILDHHHHHH
;
A
#
loop_
_chem_comp.id
_chem_comp.type
_chem_comp.name
_chem_comp.formula
DA DNA linking 2'-DEOXYADENOSINE-5'-MONOPHOSPHATE 'C10 H14 N5 O6 P'
DC DNA linking 2'-DEOXYCYTIDINE-5'-MONOPHOSPHATE 'C9 H14 N3 O7 P'
DG DNA linking 2'-DEOXYGUANOSINE-5'-MONOPHOSPHATE 'C10 H14 N5 O7 P'
DT DNA linking THYMIDINE-5'-MONOPHOSPHATE 'C10 H15 N2 O8 P'
ETF non-polymer TRIFLUOROETHANOL 'C2 H3 F3 O'
FLC non-polymer 'CITRATE ANION' 'C6 H5 O7 -3'
IMD non-polymer IMIDAZOLE 'C3 H5 N2 1'
PGO non-polymer S-1,2-PROPANEDIOL 'C3 H8 O2'
ZN non-polymer 'ZINC ION' 'Zn 2'
#
# COMPACT_ATOMS: atom_id res chain seq x y z
N LYS B 2 -7.19 10.82 -52.70
CA LYS B 2 -6.65 11.57 -53.87
C LYS B 2 -7.79 12.07 -54.76
N GLU B 3 -7.80 13.38 -55.00
CA GLU B 3 -8.85 14.05 -55.79
C GLU B 3 -10.27 13.55 -55.48
N SER B 4 -10.50 13.23 -54.20
CA SER B 4 -11.78 12.75 -53.68
C SER B 4 -11.67 12.68 -52.15
N TYR B 5 -12.79 12.53 -51.46
CA TYR B 5 -12.76 12.48 -50.00
C TYR B 5 -13.17 11.15 -49.37
N TYR B 6 -12.80 10.98 -48.10
CA TYR B 6 -13.16 9.80 -47.32
C TYR B 6 -14.32 10.24 -46.40
N SER B 7 -15.29 9.37 -46.16
CA SER B 7 -16.35 9.76 -45.24
C SER B 7 -15.81 9.33 -43.88
N ILE B 8 -16.36 9.90 -42.81
CA ILE B 8 -15.88 9.57 -41.47
C ILE B 8 -15.82 8.06 -41.27
N GLY B 9 -16.83 7.35 -41.75
CA GLY B 9 -16.86 5.90 -41.59
C GLY B 9 -15.74 5.20 -42.31
N GLU B 10 -15.33 5.76 -43.45
CA GLU B 10 -14.24 5.18 -44.22
C GLU B 10 -12.94 5.35 -43.45
N VAL B 11 -12.69 6.58 -43.01
CA VAL B 11 -11.50 6.88 -42.22
C VAL B 11 -11.49 5.97 -41.00
N SER B 12 -12.66 5.81 -40.37
CA SER B 12 -12.77 4.96 -39.20
C SER B 12 -12.29 3.56 -39.43
N LYS B 13 -12.65 2.99 -40.58
CA LYS B 13 -12.23 1.63 -40.89
C LYS B 13 -10.75 1.58 -41.24
N LEU B 14 -10.28 2.56 -41.99
CA LEU B 14 -8.88 2.59 -42.41
C LEU B 14 -7.89 2.75 -41.27
N ALA B 15 -8.13 3.74 -40.41
CA ALA B 15 -7.25 4.06 -39.28
C ALA B 15 -7.57 3.30 -38.02
N ASN B 16 -8.63 2.52 -38.07
CA ASN B 16 -9.04 1.74 -36.92
C ASN B 16 -9.26 2.63 -35.70
N VAL B 17 -10.01 3.70 -35.91
CA VAL B 17 -10.35 4.69 -34.89
C VAL B 17 -11.87 4.79 -34.91
N SER B 18 -12.51 4.93 -33.76
CA SER B 18 -13.98 4.99 -33.76
C SER B 18 -14.51 6.28 -34.36
N ILE B 19 -15.70 6.20 -34.94
CA ILE B 19 -16.34 7.37 -35.54
C ILE B 19 -16.56 8.41 -34.43
N LYS B 20 -16.93 7.92 -33.25
CA LYS B 20 -17.15 8.79 -32.12
C LYS B 20 -15.85 9.53 -31.79
N ALA B 21 -14.73 8.81 -31.78
CA ALA B 21 -13.43 9.41 -31.50
C ALA B 21 -13.09 10.49 -32.53
N LEU B 22 -13.36 10.20 -33.80
CA LEU B 22 -13.09 11.16 -34.86
C LEU B 22 -13.90 12.45 -34.64
N ARG B 23 -15.19 12.33 -34.34
CA ARG B 23 -15.99 13.53 -34.10
C ARG B 23 -15.40 14.30 -32.93
N TYR B 24 -15.04 13.60 -31.86
CA TYR B 24 -14.47 14.24 -30.68
C TYR B 24 -13.18 14.95 -31.02
N TYR B 25 -12.31 14.27 -31.75
CA TYR B 25 -11.03 14.86 -32.14
C TYR B 25 -11.28 16.10 -32.99
N ASP B 26 -12.44 16.14 -33.65
CA ASP B 26 -12.80 17.28 -34.48
C ASP B 26 -13.16 18.44 -33.55
N LYS B 27 -14.12 18.21 -32.67
CA LYS B 27 -14.58 19.22 -31.72
C LYS B 27 -13.43 19.82 -30.93
N ILE B 28 -12.55 18.94 -30.45
CA ILE B 28 -11.40 19.33 -29.65
C ILE B 28 -10.31 20.03 -30.49
N ASP B 29 -10.52 20.09 -31.80
CA ASP B 29 -9.56 20.73 -32.72
C ASP B 29 -8.19 20.05 -32.74
N LEU B 30 -8.18 18.73 -32.63
CA LEU B 30 -6.94 17.95 -32.65
C LEU B 30 -6.76 17.35 -34.05
N PHE B 31 -7.87 16.99 -34.67
CA PHE B 31 -7.86 16.40 -35.99
C PHE B 31 -9.22 16.66 -36.64
N LYS B 32 -9.27 17.67 -37.50
CA LYS B 32 -10.52 18.04 -38.16
C LYS B 32 -10.55 17.64 -39.63
N PRO B 33 -11.73 17.34 -40.17
CA PRO B 33 -11.87 16.95 -41.57
C PRO B 33 -11.50 18.08 -42.51
N ALA B 34 -10.84 17.74 -43.61
CA ALA B 34 -10.43 18.70 -44.61
C ALA B 34 -11.60 19.54 -45.09
N TYR B 35 -12.76 18.91 -45.18
CA TYR B 35 -13.94 19.56 -45.67
C TYR B 35 -15.19 19.03 -45.02
N VAL B 36 -16.13 19.93 -44.74
CA VAL B 36 -17.38 19.53 -44.14
C VAL B 36 -18.50 20.11 -44.98
N ASP B 37 -19.31 19.22 -45.55
CA ASP B 37 -20.44 19.60 -46.38
C ASP B 37 -21.32 20.55 -45.58
N PRO B 38 -21.37 21.83 -45.96
CA PRO B 38 -22.16 22.89 -45.31
C PRO B 38 -23.67 22.65 -45.18
N ASP B 39 -24.21 21.75 -45.98
CA ASP B 39 -25.63 21.47 -45.92
C ASP B 39 -25.94 20.27 -45.04
N THR B 40 -25.33 19.14 -45.38
CA THR B 40 -25.53 17.90 -44.66
C THR B 40 -24.63 17.73 -43.42
N SER B 41 -23.68 18.65 -43.26
CA SER B 41 -22.75 18.62 -42.12
C SER B 41 -21.80 17.40 -42.12
N TYR B 42 -21.92 16.55 -43.14
CA TYR B 42 -21.07 15.38 -43.27
C TYR B 42 -19.58 15.79 -43.22
N ARG B 43 -18.75 14.94 -42.62
CA ARG B 43 -17.31 15.24 -42.51
C ARG B 43 -16.51 14.50 -43.58
N TYR B 44 -15.64 15.23 -44.31
CA TYR B 44 -14.85 14.58 -45.36
C TYR B 44 -13.34 14.73 -45.18
N TYR B 45 -12.64 13.60 -45.26
CA TYR B 45 -11.20 13.58 -45.04
C TYR B 45 -10.37 13.23 -46.29
N THR B 46 -9.24 13.90 -46.45
CA THR B 46 -8.35 13.64 -47.58
C THR B 46 -7.43 12.51 -47.16
N ASP B 47 -6.90 11.78 -48.15
CA ASP B 47 -6.02 10.67 -47.86
C ASP B 47 -4.68 11.18 -47.32
N SER B 48 -4.33 12.42 -47.66
CA SER B 48 -3.07 12.97 -47.22
C SER B 48 -3.01 13.34 -45.74
N GLN B 49 -4.16 13.67 -45.15
CA GLN B 49 -4.19 14.04 -43.73
C GLN B 49 -4.24 12.85 -42.78
N LEU B 50 -4.52 11.66 -43.31
CA LEU B 50 -4.59 10.48 -42.47
C LEU B 50 -3.29 10.26 -41.72
N ILE B 51 -2.23 10.87 -42.23
CA ILE B 51 -0.92 10.71 -41.62
C ILE B 51 -0.81 11.35 -40.23
N HIS B 52 -1.70 12.28 -39.94
CA HIS B 52 -1.71 12.95 -38.66
C HIS B 52 -2.22 12.02 -37.56
N LEU B 53 -2.92 10.97 -37.95
CA LEU B 53 -3.45 10.02 -36.99
C LEU B 53 -2.35 9.11 -36.46
N ASP B 54 -1.17 9.15 -37.09
CA ASP B 54 -0.06 8.34 -36.62
C ASP B 54 0.36 8.91 -35.26
N LEU B 55 0.70 10.19 -35.24
CA LEU B 55 1.13 10.85 -34.01
C LEU B 55 0.06 10.71 -32.93
N ILE B 56 -1.20 10.91 -33.31
CA ILE B 56 -2.27 10.80 -32.33
C ILE B 56 -2.39 9.39 -31.77
N LYS B 57 -2.45 8.39 -32.65
CA LYS B 57 -2.56 7.00 -32.23
C LYS B 57 -1.39 6.56 -31.36
N SER B 58 -0.18 6.96 -31.72
CA SER B 58 0.99 6.59 -30.95
C SER B 58 0.99 7.28 -29.58
N LEU B 59 0.75 8.59 -29.56
CA LEU B 59 0.72 9.31 -28.29
C LEU B 59 -0.41 8.81 -27.40
N LYS B 60 -1.53 8.42 -28.01
CA LYS B 60 -2.65 7.92 -27.23
C LYS B 60 -2.27 6.60 -26.59
N TYR B 61 -1.51 5.78 -27.32
CA TYR B 61 -1.07 4.48 -26.83
C TYR B 61 -0.30 4.60 -25.51
N ILE B 62 0.61 5.58 -25.44
CA ILE B 62 1.41 5.80 -24.24
C ILE B 62 0.67 6.67 -23.22
N GLY B 63 -0.60 6.92 -23.50
CA GLY B 63 -1.43 7.70 -22.61
C GLY B 63 -1.23 9.20 -22.43
N THR B 64 -0.89 9.94 -23.48
CA THR B 64 -0.72 11.37 -23.28
C THR B 64 -2.05 12.06 -23.48
N PRO B 65 -2.34 13.09 -22.67
CA PRO B 65 -3.59 13.83 -22.77
C PRO B 65 -3.80 14.42 -24.16
N LEU B 66 -5.04 14.39 -24.63
CA LEU B 66 -5.34 14.93 -25.95
C LEU B 66 -4.92 16.38 -26.04
N GLU B 67 -5.04 17.10 -24.93
CA GLU B 67 -4.66 18.51 -24.92
C GLU B 67 -3.14 18.61 -25.03
N GLU B 68 -2.47 17.55 -24.61
CA GLU B 68 -1.01 17.49 -24.64
C GLU B 68 -0.56 17.20 -26.08
N MET B 69 -1.33 16.39 -26.81
CA MET B 69 -1.01 16.05 -28.19
C MET B 69 -1.02 17.27 -29.09
N LYS B 70 -1.95 18.17 -28.84
CA LYS B 70 -2.07 19.40 -29.60
C LYS B 70 -0.78 20.19 -29.54
N LYS B 71 0.00 19.95 -28.48
CA LYS B 71 1.29 20.63 -28.32
C LYS B 71 2.39 19.84 -29.02
N ALA B 72 2.29 18.52 -28.95
CA ALA B 72 3.26 17.63 -29.55
C ALA B 72 3.31 17.81 -31.07
N GLN B 73 2.14 17.95 -31.69
CA GLN B 73 2.11 18.12 -33.13
C GLN B 73 2.39 19.55 -33.53
N ASP B 74 3.19 20.23 -32.72
CA ASP B 74 3.55 21.61 -32.98
C ASP B 74 5.04 21.78 -32.74
N LEU B 75 5.67 20.74 -32.23
CA LEU B 75 7.10 20.80 -31.97
C LEU B 75 7.91 20.12 -33.06
N GLU B 76 9.20 20.40 -33.07
CA GLU B 76 10.15 19.85 -34.04
C GLU B 76 10.70 18.52 -33.57
N MET B 77 11.37 17.81 -34.47
CA MET B 77 11.94 16.52 -34.12
C MET B 77 12.87 16.55 -32.91
N GLU B 78 13.76 17.53 -32.85
CA GLU B 78 14.68 17.62 -31.74
C GLU B 78 13.90 17.76 -30.44
N GLU B 79 12.74 18.41 -30.52
CA GLU B 79 11.90 18.61 -29.34
C GLU B 79 11.10 17.33 -29.03
N LEU B 80 10.64 16.64 -30.08
CA LEU B 80 9.90 15.40 -29.91
C LEU B 80 10.82 14.36 -29.30
N PHE B 81 12.09 14.41 -29.71
CA PHE B 81 13.09 13.52 -29.19
C PHE B 81 13.14 13.71 -27.69
N ALA B 82 13.18 14.97 -27.25
CA ALA B 82 13.23 15.28 -25.82
C ALA B 82 11.96 14.75 -25.14
N PHE B 83 10.82 14.98 -25.79
CA PHE B 83 9.53 14.54 -25.29
C PHE B 83 9.57 13.06 -24.90
N TYR B 84 10.15 12.24 -25.78
CA TYR B 84 10.25 10.83 -25.54
C TYR B 84 11.23 10.54 -24.41
N THR B 85 12.27 11.36 -24.27
CA THR B 85 13.24 11.14 -23.20
C THR B 85 12.53 11.30 -21.86
N GLU B 86 11.55 12.19 -21.82
CA GLU B 86 10.78 12.42 -20.62
C GLU B 86 9.94 11.18 -20.33
N GLN B 87 9.31 10.64 -21.36
CA GLN B 87 8.48 9.44 -21.22
C GLN B 87 9.28 8.28 -20.62
N GLU B 88 10.54 8.16 -21.02
CA GLU B 88 11.38 7.08 -20.52
C GLU B 88 11.65 7.31 -19.04
N ARG B 89 11.81 8.57 -18.66
CA ARG B 89 12.05 8.92 -17.27
C ARG B 89 10.80 8.58 -16.46
N GLN B 90 9.63 8.83 -17.04
CA GLN B 90 8.38 8.55 -16.38
C GLN B 90 8.10 7.05 -16.33
N ILE B 91 8.57 6.31 -17.34
CA ILE B 91 8.35 4.87 -17.36
C ILE B 91 9.18 4.23 -16.27
N ARG B 92 10.45 4.62 -16.20
CA ARG B 92 11.37 4.09 -15.21
C ARG B 92 10.76 4.32 -13.82
N GLU B 93 10.10 5.45 -13.67
CA GLU B 93 9.46 5.82 -12.42
C GLU B 93 8.39 4.79 -12.06
N LYS B 94 7.48 4.52 -12.99
CA LYS B 94 6.42 3.55 -12.73
C LYS B 94 7.01 2.15 -12.51
N LEU B 95 8.08 1.83 -13.22
CA LEU B 95 8.73 0.53 -13.08
C LEU B 95 9.24 0.37 -11.67
N ASP B 96 9.82 1.43 -11.12
CA ASP B 96 10.32 1.38 -9.74
C ASP B 96 9.15 1.23 -8.79
N PHE B 97 8.10 2.00 -9.03
CA PHE B 97 6.92 1.96 -8.19
C PHE B 97 6.25 0.59 -8.12
N LEU B 98 6.00 0.01 -9.30
CA LEU B 98 5.36 -1.31 -9.38
C LEU B 98 6.28 -2.38 -8.83
N SER B 99 7.56 -2.30 -9.16
CA SER B 99 8.52 -3.28 -8.68
C SER B 99 8.50 -3.33 -7.15
N ALA B 100 8.38 -2.15 -6.53
CA ALA B 100 8.35 -2.02 -5.08
C ALA B 100 7.01 -2.49 -4.55
N LEU B 101 5.96 -2.11 -5.25
CA LEU B 101 4.61 -2.47 -4.86
C LEU B 101 4.47 -3.99 -4.89
N GLU B 102 5.10 -4.62 -5.89
CA GLU B 102 5.05 -6.06 -6.07
C GLU B 102 5.71 -6.74 -4.89
N GLN B 103 6.74 -6.09 -4.37
CA GLN B 103 7.50 -6.60 -3.24
C GLN B 103 6.66 -6.51 -1.96
N THR B 104 6.05 -5.35 -1.75
CA THR B 104 5.23 -5.11 -0.58
C THR B 104 4.05 -6.07 -0.49
N ILE B 105 3.37 -6.28 -1.61
CA ILE B 105 2.22 -7.19 -1.63
C ILE B 105 2.68 -8.58 -1.19
N SER B 106 3.87 -8.95 -1.62
CA SER B 106 4.42 -10.24 -1.26
C SER B 106 4.58 -10.36 0.24
N LEU B 107 5.22 -9.37 0.86
CA LEU B 107 5.44 -9.37 2.30
C LEU B 107 4.10 -9.42 3.03
N VAL B 108 3.17 -8.60 2.58
CA VAL B 108 1.85 -8.54 3.19
C VAL B 108 1.20 -9.91 3.12
N LYS B 109 1.48 -10.66 2.07
CA LYS B 109 0.92 -11.98 1.92
C LYS B 109 1.62 -12.99 2.83
N LYS B 110 2.94 -12.88 2.97
CA LYS B 110 3.71 -13.80 3.81
C LYS B 110 3.16 -13.73 5.24
N ARG B 111 3.06 -12.51 5.75
CA ARG B 111 2.56 -12.25 7.09
C ARG B 111 1.09 -12.59 7.27
N MET B 112 0.36 -12.49 6.17
CA MET B 112 -1.07 -12.78 6.18
C MET B 112 -1.22 -14.29 6.34
N LYS B 113 -0.44 -15.05 5.58
CA LYS B 113 -0.48 -16.50 5.64
C LYS B 113 -0.02 -16.95 7.02
N ARG B 114 0.95 -16.23 7.58
CA ARG B 114 1.50 -16.51 8.91
C ARG B 114 0.41 -16.75 9.95
N GLN B 115 -0.40 -15.73 10.21
CA GLN B 115 -1.46 -15.82 11.20
C GLN B 115 -2.63 -16.70 10.79
N MET B 116 -2.63 -17.17 9.55
CA MET B 116 -3.70 -18.04 9.07
C MET B 116 -3.34 -19.50 9.32
N GLU B 117 -2.05 -19.79 9.39
CA GLU B 117 -1.58 -21.14 9.63
C GLU B 117 -0.86 -21.21 10.97
N TYR B 118 -1.49 -20.69 12.01
CA TYR B 118 -0.91 -20.71 13.35
C TYR B 118 -1.24 -22.06 14.01
N PRO B 119 -0.28 -22.64 14.75
CA PRO B 119 -0.47 -23.92 15.43
C PRO B 119 -1.84 -24.09 16.10
N ALA B 120 -2.04 -23.40 17.22
CA ALA B 120 -3.31 -23.47 17.94
C ALA B 120 -3.53 -22.17 18.72
N LEU B 121 -4.78 -21.77 18.86
CA LEU B 121 -5.09 -20.56 19.57
C LEU B 121 -5.22 -20.81 21.07
N GLY B 122 -4.85 -19.82 21.87
CA GLY B 122 -4.93 -19.94 23.32
C GLY B 122 -3.84 -20.79 23.94
N GLU B 123 -3.02 -21.41 23.10
CA GLU B 123 -1.93 -22.25 23.58
C GLU B 123 -0.59 -21.58 23.37
N VAL B 124 0.32 -21.77 24.31
CA VAL B 124 1.65 -21.18 24.23
C VAL B 124 2.59 -22.05 23.44
N PHE B 125 3.29 -21.44 22.49
CA PHE B 125 4.26 -22.13 21.66
C PHE B 125 5.58 -21.39 21.65
N VAL B 126 6.67 -22.12 21.49
CA VAL B 126 7.96 -21.49 21.46
C VAL B 126 8.55 -21.64 20.06
N LEU B 127 8.44 -20.61 19.24
CA LEU B 127 9.03 -20.73 17.92
C LEU B 127 10.14 -19.72 17.64
N ASP B 128 10.85 -19.95 16.54
CA ASP B 128 11.93 -19.09 16.13
C ASP B 128 11.40 -18.08 15.14
N GLU B 129 11.33 -16.84 15.61
CA GLU B 129 10.81 -15.72 14.84
C GLU B 129 11.89 -15.04 14.01
N GLU B 130 11.46 -14.44 12.90
CA GLU B 130 12.34 -13.71 12.03
C GLU B 130 12.17 -12.25 12.46
N GLU B 131 13.10 -11.39 12.10
CA GLU B 131 13.04 -9.99 12.46
C GLU B 131 11.82 -9.27 11.86
N ILE B 132 11.30 -8.26 12.55
CA ILE B 132 10.16 -7.49 12.04
C ILE B 132 10.45 -6.02 12.26
N ARG B 133 10.80 -5.29 11.19
CA ARG B 133 11.11 -3.88 11.35
C ARG B 133 9.86 -3.10 11.77
N ILE B 134 10.05 -2.10 12.63
CA ILE B 134 8.91 -1.30 13.09
C ILE B 134 9.25 0.17 13.38
N ILE B 135 8.22 0.95 13.68
CA ILE B 135 8.36 2.37 14.04
C ILE B 135 7.54 2.51 15.31
N GLN B 136 8.20 2.93 16.38
CA GLN B 136 7.51 3.05 17.65
C GLN B 136 7.70 4.40 18.29
N THR B 137 6.90 4.62 19.32
CA THR B 137 6.96 5.85 20.07
C THR B 137 6.66 5.60 21.55
N GLU B 138 7.00 6.56 22.40
CA GLU B 138 6.76 6.42 23.83
C GLU B 138 5.25 6.44 24.02
N ALA B 139 4.73 5.52 24.81
CA ALA B 139 3.29 5.47 25.08
C ALA B 139 2.96 6.20 26.38
N GLU B 140 3.44 7.43 26.53
CA GLU B 140 3.21 8.18 27.77
C GLU B 140 1.77 8.11 28.29
N GLY B 141 1.58 7.34 29.35
CA GLY B 141 0.26 7.21 29.95
C GLY B 141 -0.76 6.47 29.10
N ILE B 142 -0.34 5.36 28.51
CA ILE B 142 -1.24 4.57 27.68
C ILE B 142 -1.12 3.13 28.14
N GLY B 143 -2.28 2.50 28.31
CA GLY B 143 -2.31 1.12 28.74
C GLY B 143 -3.35 0.39 27.94
N PRO B 144 -3.58 -0.90 28.23
CA PRO B 144 -4.57 -1.72 27.53
C PRO B 144 -5.99 -1.16 27.54
N GLU B 145 -6.41 -0.59 28.67
CA GLU B 145 -7.77 -0.08 28.77
C GLU B 145 -7.83 1.41 28.56
N ASN B 146 -6.85 1.91 27.84
CA ASN B 146 -6.71 3.34 27.60
C ASN B 146 -6.52 3.69 26.12
N VAL B 147 -5.82 2.83 25.39
CA VAL B 147 -5.53 3.03 23.98
C VAL B 147 -6.69 3.36 23.09
N LEU B 148 -6.38 4.07 22.01
CA LEU B 148 -7.36 4.44 21.01
C LEU B 148 -6.68 4.33 19.66
N ASN B 149 -7.46 4.08 18.63
CA ASN B 149 -6.88 4.00 17.31
C ASN B 149 -6.22 5.35 17.03
N ALA B 150 -6.79 6.42 17.56
CA ALA B 150 -6.21 7.76 17.35
C ALA B 150 -4.84 7.88 18.01
N SER B 151 -4.47 6.91 18.82
CA SER B 151 -3.17 6.96 19.47
C SER B 151 -2.07 6.62 18.46
N TYR B 152 -2.43 5.94 17.37
CA TYR B 152 -1.46 5.57 16.35
C TYR B 152 -1.46 6.53 15.19
N SER B 153 -2.30 7.54 15.29
CA SER B 153 -2.44 8.56 14.25
C SER B 153 -1.14 9.07 13.65
N LYS B 154 -0.25 9.60 14.49
CA LYS B 154 1.01 10.12 14.00
C LYS B 154 1.89 9.01 13.44
N LEU B 155 1.90 7.87 14.12
CA LEU B 155 2.67 6.71 13.69
C LEU B 155 2.21 6.28 12.30
N LYS B 156 0.90 6.23 12.09
CA LYS B 156 0.34 5.84 10.80
C LYS B 156 0.69 6.84 9.70
N LYS B 157 0.59 8.13 10.01
CA LYS B 157 0.90 9.18 9.05
C LYS B 157 2.28 8.96 8.43
N PHE B 158 3.28 8.68 9.27
CA PHE B 158 4.62 8.45 8.74
C PHE B 158 4.67 7.19 7.90
N ILE B 159 4.21 6.08 8.45
CA ILE B 159 4.22 4.82 7.71
C ILE B 159 3.59 5.00 6.34
N GLU B 160 2.45 5.69 6.30
CA GLU B 160 1.74 5.93 5.04
C GLU B 160 2.58 6.67 4.01
N SER B 161 3.41 7.61 4.48
CA SER B 161 4.26 8.39 3.59
C SER B 161 5.47 7.61 3.11
N ALA B 162 5.66 6.40 3.63
CA ALA B 162 6.79 5.56 3.25
C ALA B 162 6.29 4.36 2.46
N ASP B 163 5.64 3.44 3.17
CA ASP B 163 5.10 2.21 2.59
C ASP B 163 3.95 2.48 1.62
N GLY B 164 3.39 3.68 1.64
CA GLY B 164 2.25 3.93 0.78
C GLY B 164 1.05 3.23 1.41
N PHE B 165 1.19 1.93 1.64
CA PHE B 165 0.15 1.14 2.29
C PHE B 165 0.01 1.63 3.73
N THR B 166 -1.15 1.41 4.33
CA THR B 166 -1.34 1.80 5.73
C THR B 166 -1.24 0.50 6.53
N ASN B 167 -0.81 0.59 7.78
CA ASN B 167 -0.68 -0.61 8.60
C ASN B 167 -2.07 -1.16 8.90
N ASN B 168 -2.17 -2.48 9.03
CA ASN B 168 -3.46 -3.07 9.33
C ASN B 168 -3.41 -3.55 10.78
N SER B 169 -2.20 -3.85 11.28
CA SER B 169 -2.01 -4.33 12.64
C SER B 169 -1.41 -3.28 13.60
N TYR B 170 -1.89 -3.27 14.84
CA TYR B 170 -1.42 -2.30 15.84
C TYR B 170 -0.59 -2.94 16.93
N GLY B 171 0.57 -2.35 17.23
CA GLY B 171 1.43 -2.94 18.23
C GLY B 171 1.69 -2.18 19.52
N ALA B 172 2.09 -2.94 20.53
CA ALA B 172 2.39 -2.36 21.83
C ALA B 172 3.36 -3.28 22.53
N THR B 173 4.00 -2.77 23.58
CA THR B 173 4.95 -3.59 24.34
C THR B 173 4.89 -3.15 25.78
N PHE B 174 5.20 -4.07 26.69
CA PHE B 174 5.18 -3.74 28.11
C PHE B 174 6.12 -4.66 28.88
N SER B 175 6.53 -4.22 30.07
CA SER B 175 7.44 -4.99 30.89
C SER B 175 6.82 -6.29 31.37
N PHE B 176 7.63 -7.35 31.32
CA PHE B 176 7.20 -8.67 31.77
C PHE B 176 7.21 -8.61 33.30
N GLN B 177 6.03 -8.67 33.90
CA GLN B 177 5.90 -8.63 35.35
C GLN B 177 4.90 -9.67 35.77
N PRO B 178 4.87 -10.02 37.06
CA PRO B 178 3.89 -11.02 37.52
C PRO B 178 2.58 -10.27 37.78
N TYR B 179 1.94 -9.78 36.71
CA TYR B 179 0.72 -9.01 36.86
C TYR B 179 -0.43 -9.71 37.55
N THR B 180 -1.22 -8.93 38.27
CA THR B 180 -2.36 -9.42 39.02
C THR B 180 -3.66 -8.99 38.36
N SER B 181 -3.67 -7.77 37.83
CA SER B 181 -4.84 -7.26 37.16
C SER B 181 -4.40 -6.42 35.99
N ILE B 182 -5.32 -6.17 35.08
CA ILE B 182 -5.02 -5.40 33.89
C ILE B 182 -4.75 -3.93 34.23
N ASP B 183 -5.38 -3.39 35.28
CA ASP B 183 -5.16 -1.98 35.58
C ASP B 183 -3.80 -1.77 36.19
N GLU B 184 -3.05 -2.85 36.26
CA GLU B 184 -1.71 -2.83 36.84
C GLU B 184 -0.67 -2.68 35.74
N MET B 185 -1.08 -2.86 34.49
CA MET B 185 -0.16 -2.76 33.37
C MET B 185 -0.32 -1.52 32.53
N THR B 186 0.80 -1.07 31.97
CA THR B 186 0.82 0.10 31.10
C THR B 186 1.79 -0.17 29.96
N TYR B 187 1.46 0.31 28.76
CA TYR B 187 2.32 0.11 27.59
C TYR B 187 3.58 0.98 27.69
N ARG B 188 4.71 0.44 27.25
CA ARG B 188 5.97 1.18 27.24
C ARG B 188 6.02 1.94 25.91
N HIS B 189 5.86 1.21 24.80
CA HIS B 189 5.83 1.85 23.49
C HIS B 189 4.66 1.30 22.74
N ILE B 190 4.19 2.06 21.76
CA ILE B 190 3.14 1.59 20.88
C ILE B 190 3.87 1.67 19.54
N PHE B 191 3.61 0.73 18.65
CA PHE B 191 4.29 0.69 17.36
C PHE B 191 3.42 0.15 16.25
N THR B 192 3.91 0.34 15.04
CA THR B 192 3.25 -0.14 13.85
C THR B 192 4.35 -0.68 12.95
N PRO B 193 4.15 -1.86 12.34
CA PRO B 193 5.17 -2.42 11.46
C PRO B 193 5.39 -1.60 10.17
N VAL B 194 6.59 -1.66 9.60
CA VAL B 194 6.87 -0.98 8.34
C VAL B 194 7.07 -2.07 7.27
N LEU B 195 6.82 -1.71 6.00
CA LEU B 195 6.93 -2.67 4.89
C LEU B 195 7.87 -2.23 3.77
N THR B 196 8.18 -0.94 3.71
CA THR B 196 9.04 -0.42 2.67
C THR B 196 10.48 -0.29 3.16
N ASN B 197 11.40 -0.17 2.21
CA ASN B 197 12.82 0.00 2.53
C ASN B 197 13.22 1.39 2.06
N LYS B 198 12.25 2.18 1.63
CA LYS B 198 12.55 3.52 1.15
C LYS B 198 12.59 4.49 2.32
N GLN B 199 13.53 5.44 2.27
CA GLN B 199 13.70 6.44 3.31
C GLN B 199 12.43 7.27 3.47
N ILE B 200 11.83 7.24 4.67
CA ILE B 200 10.61 7.99 4.89
C ILE B 200 10.93 9.48 4.94
N SER B 201 9.95 10.33 4.62
CA SER B 201 10.15 11.77 4.65
C SER B 201 10.75 12.17 6.00
N SER B 202 11.30 13.38 6.06
CA SER B 202 11.89 13.90 7.29
C SER B 202 11.12 13.36 8.49
N ILE B 203 11.73 12.43 9.22
CA ILE B 203 11.08 11.84 10.38
C ILE B 203 11.35 12.63 11.64
N THR B 204 10.33 12.77 12.48
CA THR B 204 10.49 13.52 13.71
C THR B 204 11.25 12.71 14.75
N PRO B 205 11.99 13.40 15.65
CA PRO B 205 12.78 12.70 16.66
C PRO B 205 12.03 11.93 17.73
N ASP B 206 10.69 12.02 17.72
CA ASP B 206 9.90 11.28 18.71
C ASP B 206 9.52 9.90 18.20
N MET B 207 9.89 9.63 16.95
CA MET B 207 9.63 8.35 16.30
C MET B 207 10.92 7.55 16.30
N GLU B 208 10.86 6.29 16.66
CA GLU B 208 12.07 5.50 16.64
C GLU B 208 11.91 4.35 15.66
N ILE B 209 12.89 4.16 14.79
CA ILE B 209 12.84 3.08 13.83
C ILE B 209 13.74 1.97 14.38
N THR B 210 13.13 0.89 14.88
CA THR B 210 13.91 -0.23 15.42
C THR B 210 13.30 -1.53 14.85
N THR B 211 13.37 -2.64 15.57
CA THR B 211 12.75 -3.89 15.10
C THR B 211 12.45 -4.82 16.27
N ILE B 212 11.68 -5.87 15.98
CA ILE B 212 11.38 -6.87 16.99
C ILE B 212 12.48 -7.88 16.61
N PRO B 213 13.52 -8.01 17.45
CA PRO B 213 14.66 -8.90 17.23
C PRO B 213 14.31 -10.29 16.73
N LYS B 214 15.21 -10.82 15.92
CA LYS B 214 15.07 -12.17 15.42
C LYS B 214 15.48 -13.03 16.61
N GLY B 215 14.79 -14.13 16.86
CA GLY B 215 15.20 -14.95 17.99
C GLY B 215 14.15 -15.95 18.45
N ARG B 216 14.38 -16.55 19.61
CA ARG B 216 13.45 -17.52 20.14
C ARG B 216 12.42 -16.81 21.00
N TYR B 217 11.16 -17.08 20.72
CA TYR B 217 10.07 -16.44 21.43
C TYR B 217 9.01 -17.39 22.01
N ALA B 218 8.50 -17.05 23.18
CA ALA B 218 7.41 -17.82 23.78
C ALA B 218 6.22 -16.99 23.30
N CYS B 219 5.43 -17.58 22.42
CA CYS B 219 4.27 -16.90 21.83
C CYS B 219 2.93 -17.52 22.17
N ILE B 220 1.88 -16.75 21.92
CA ILE B 220 0.50 -17.20 22.12
C ILE B 220 -0.37 -16.29 21.27
N ALA B 221 -1.30 -16.88 20.54
CA ALA B 221 -2.20 -16.11 19.69
C ALA B 221 -3.64 -16.53 20.01
N TYR B 222 -4.58 -15.60 19.87
CA TYR B 222 -5.97 -15.88 20.17
C TYR B 222 -6.85 -14.74 19.68
N ASN B 223 -8.17 -14.96 19.69
CA ASN B 223 -9.09 -13.93 19.26
C ASN B 223 -9.45 -13.06 20.46
N PHE B 224 -9.33 -11.76 20.28
CA PHE B 224 -9.59 -10.81 21.37
C PHE B 224 -10.91 -10.94 22.11
N SER B 225 -10.81 -10.72 23.41
CA SER B 225 -11.95 -10.78 24.31
C SER B 225 -11.48 -10.07 25.57
N PRO B 226 -12.15 -8.99 25.97
CA PRO B 226 -11.74 -8.25 27.16
C PRO B 226 -11.26 -9.17 28.30
N GLU B 227 -11.97 -10.27 28.51
CA GLU B 227 -11.63 -11.22 29.56
C GLU B 227 -10.43 -12.10 29.20
N HIS B 228 -10.41 -12.63 27.99
CA HIS B 228 -9.33 -13.49 27.59
C HIS B 228 -8.00 -12.79 27.41
N TYR B 229 -8.04 -11.48 27.17
CA TYR B 229 -6.81 -10.73 26.98
C TYR B 229 -5.87 -10.89 28.17
N PHE B 230 -6.39 -10.70 29.37
CA PHE B 230 -5.56 -10.82 30.55
C PHE B 230 -5.32 -12.25 30.95
N LEU B 231 -6.32 -13.10 30.80
CA LEU B 231 -6.14 -14.50 31.19
C LEU B 231 -5.07 -15.17 30.34
N ASN B 232 -4.98 -14.78 29.08
CA ASN B 232 -3.97 -15.36 28.19
C ASN B 232 -2.58 -14.85 28.50
N LEU B 233 -2.47 -13.62 28.99
CA LEU B 233 -1.16 -13.08 29.34
C LEU B 233 -0.65 -13.88 30.53
N GLN B 234 -1.57 -14.15 31.46
CA GLN B 234 -1.29 -14.93 32.66
C GLN B 234 -0.81 -16.31 32.25
N LYS B 235 -1.39 -16.82 31.18
CA LYS B 235 -1.03 -18.13 30.70
C LYS B 235 0.42 -18.11 30.18
N LEU B 236 0.78 -17.01 29.52
CA LEU B 236 2.12 -16.82 28.97
C LEU B 236 3.12 -16.73 30.11
N ILE B 237 2.78 -15.90 31.09
CA ILE B 237 3.61 -15.69 32.26
C ILE B 237 3.91 -17.04 32.95
N LYS B 238 2.87 -17.83 33.20
CA LYS B 238 3.02 -19.11 33.87
C LYS B 238 3.95 -20.06 33.11
N TYR B 239 3.85 -20.03 31.79
CA TYR B 239 4.67 -20.88 30.95
C TYR B 239 6.15 -20.56 31.15
N ILE B 240 6.48 -19.27 31.21
CA ILE B 240 7.87 -18.88 31.41
C ILE B 240 8.29 -19.28 32.84
N ALA B 241 7.43 -19.03 33.82
CA ALA B 241 7.75 -19.38 35.20
C ALA B 241 7.98 -20.87 35.42
N ASP B 242 7.08 -21.71 34.93
CA ASP B 242 7.20 -23.16 35.11
C ASP B 242 8.49 -23.73 34.47
N ARG B 243 8.82 -23.32 33.25
CA ARG B 243 10.04 -23.82 32.58
C ARG B 243 11.25 -23.05 33.08
N GLN B 244 11.05 -22.15 34.03
CA GLN B 244 12.15 -21.36 34.55
C GLN B 244 12.92 -20.65 33.43
N LEU B 245 12.22 -20.32 32.34
CA LEU B 245 12.85 -19.64 31.22
C LEU B 245 13.29 -18.23 31.58
N THR B 246 14.30 -17.70 30.87
CA THR B 246 14.76 -16.34 31.14
C THR B 246 14.35 -15.42 30.00
N VAL B 247 13.63 -14.36 30.35
CA VAL B 247 13.16 -13.39 29.37
C VAL B 247 14.26 -12.38 29.12
N VAL B 248 14.43 -12.02 27.85
CA VAL B 248 15.46 -11.10 27.42
C VAL B 248 14.85 -10.06 26.49
N SER B 249 13.62 -9.69 26.78
CA SER B 249 12.92 -8.69 25.99
C SER B 249 11.59 -8.36 26.62
N ASP B 250 11.00 -7.26 26.17
CA ASP B 250 9.69 -6.84 26.64
C ASP B 250 8.71 -7.86 26.07
N VAL B 251 7.44 -7.76 26.49
CA VAL B 251 6.39 -8.60 25.93
C VAL B 251 5.92 -7.78 24.73
N TYR B 252 5.86 -8.39 23.56
CA TYR B 252 5.40 -7.69 22.36
C TYR B 252 3.96 -8.10 22.08
N GLN B 253 3.15 -7.12 21.69
CA GLN B 253 1.75 -7.35 21.43
C GLN B 253 1.36 -6.80 20.08
N LEU B 254 0.61 -7.60 19.33
CA LEU B 254 0.18 -7.21 18.00
C LEU B 254 -1.31 -7.54 17.90
N ILE B 255 -2.12 -6.57 17.46
CA ILE B 255 -3.56 -6.79 17.34
C ILE B 255 -3.96 -6.57 15.87
N ILE B 256 -4.46 -7.61 15.23
CA ILE B 256 -4.86 -7.52 13.84
C ILE B 256 -6.35 -7.76 13.67
N PRO B 257 -7.02 -6.90 12.89
CA PRO B 257 -8.47 -7.11 12.69
C PRO B 257 -8.65 -8.29 11.77
N ILE B 258 -9.77 -8.99 11.90
CA ILE B 258 -10.04 -10.17 11.09
C ILE B 258 -10.91 -9.97 9.84
N HIS B 259 -11.76 -8.93 9.80
CA HIS B 259 -12.58 -8.79 8.60
C HIS B 259 -12.87 -7.42 7.97
N TYR B 260 -12.80 -6.33 8.73
CA TYR B 260 -13.07 -5.01 8.14
C TYR B 260 -14.47 -4.86 7.55
N SER B 261 -15.39 -5.74 7.93
CA SER B 261 -16.78 -5.68 7.44
C SER B 261 -17.70 -5.03 8.45
N PRO B 262 -18.18 -3.82 8.14
CA PRO B 262 -19.08 -3.10 9.04
C PRO B 262 -20.41 -3.82 9.31
N LYS B 263 -20.69 -4.88 8.57
CA LYS B 263 -21.94 -5.61 8.78
C LYS B 263 -21.85 -6.64 9.91
N LYS B 264 -20.74 -7.37 9.97
CA LYS B 264 -20.55 -8.39 10.99
C LYS B 264 -19.90 -7.79 12.23
N GLN B 265 -20.07 -8.45 13.37
CA GLN B 265 -19.49 -7.99 14.62
C GLN B 265 -17.96 -8.00 14.54
N GLU B 266 -17.34 -6.92 15.02
CA GLU B 266 -15.89 -6.84 14.98
C GLU B 266 -15.19 -7.92 15.77
N GLU B 267 -14.02 -8.34 15.28
CA GLU B 267 -13.21 -9.34 15.96
C GLU B 267 -11.75 -9.16 15.59
N TYR B 268 -10.89 -9.19 16.59
CA TYR B 268 -9.46 -9.00 16.37
C TYR B 268 -8.65 -10.20 16.80
N ARG B 269 -7.47 -10.32 16.19
CA ARG B 269 -6.55 -11.39 16.53
C ARG B 269 -5.47 -10.76 17.39
N VAL B 270 -5.16 -11.39 18.52
CA VAL B 270 -4.13 -10.87 19.39
C VAL B 270 -2.96 -11.82 19.34
N GLU B 271 -1.78 -11.24 19.29
CA GLU B 271 -0.53 -11.99 19.26
C GLU B 271 0.42 -11.42 20.30
N MET B 272 0.82 -12.25 21.25
CA MET B 272 1.75 -11.85 22.30
C MET B 272 2.94 -12.79 22.28
N LYS B 273 4.13 -12.26 22.48
CA LYS B 273 5.31 -13.10 22.50
C LYS B 273 6.42 -12.36 23.23
N ILE B 274 7.26 -13.10 23.92
CA ILE B 274 8.38 -12.53 24.66
C ILE B 274 9.60 -13.36 24.29
N ARG B 275 10.73 -12.70 24.04
CA ARG B 275 11.96 -13.39 23.64
C ARG B 275 12.66 -14.04 24.82
N ILE B 276 13.14 -15.26 24.64
CA ILE B 276 13.83 -15.95 25.73
C ILE B 276 15.24 -16.39 25.32
N LEU B 277 16.06 -16.68 26.32
CA LEU B 277 17.44 -17.13 26.09
C LEU B 277 17.41 -18.64 25.92
N ASP B 278 16.97 -19.09 24.74
CA ASP B 278 16.89 -20.52 24.43
C ASP B 278 16.01 -21.35 25.39
ZN ZN C . 11.44 4.25 25.48
CAC FLC D . -9.88 -3.59 20.97
CA FLC D . -8.81 -3.21 21.92
CB FLC D . -8.56 -1.82 22.49
CBC FLC D . -9.86 -1.18 23.31
CG FLC D . -7.26 -1.94 23.45
CGC FLC D . -6.48 -3.23 23.71
OA1 FLC D . -9.50 -3.75 19.76
OA2 FLC D . -11.14 -3.74 21.34
OB1 FLC D . -10.42 -0.11 22.88
OB2 FLC D . -10.29 -1.75 24.36
OG1 FLC D . -5.45 -3.37 23.08
OG2 FLC D . -6.95 -4.02 24.57
OHB FLC D . -8.19 -1.03 21.32
C1 PGO E . 11.50 -6.82 6.96
C2 PGO E . 11.33 -5.88 5.80
C3 PGO E . 12.49 -5.47 4.97
O1 PGO E . 10.86 -6.29 8.13
O2 PGO E . 10.58 -4.70 6.10
C1 PGO F . 11.89 -5.79 30.65
C2 PGO F . 11.07 -7.00 31.00
C3 PGO F . 11.50 -7.97 32.04
O1 PGO F . 12.05 -5.68 29.23
O2 PGO F . 10.65 -7.74 29.85
C1 PGO G . -17.06 18.92 -53.39
C2 PGO G . -16.50 19.85 -52.36
C3 PGO G . -17.00 21.23 -52.24
O1 PGO G . -16.00 18.31 -54.11
O2 PGO G . -15.07 19.90 -52.34
C1 ETF H . -8.32 -19.25 27.70
C2 ETF H . -8.53 -20.13 26.52
O ETF H . -8.80 -19.29 25.38
F1 ETF H . -8.06 -20.02 28.77
F2 ETF H . -7.27 -18.46 27.46
F3 ETF H . -9.41 -18.52 27.91
N1 IMD I . -7.18 -1.03 17.41
C2 IMD I . -6.56 -0.25 18.35
N3 IMD I . -5.67 -1.03 19.04
C4 IMD I . -5.73 -2.31 18.54
C5 IMD I . -6.69 -2.30 17.51
N1 IMD J . -8.35 -4.77 26.97
C2 IMD J . -8.99 -3.58 27.20
N3 IMD J . -9.97 -3.80 28.13
C4 IMD J . -9.95 -5.13 28.48
C5 IMD J . -8.92 -5.73 27.75
N1 IMD K . 5.49 -10.37 16.31
C2 IMD K . 4.69 -11.42 15.96
N3 IMD K . 3.55 -11.36 16.74
C4 IMD K . 3.65 -10.28 17.57
C5 IMD K . 4.86 -9.66 17.30
N1 IMD L . -19.03 17.09 -51.31
C2 IMD L . -18.45 15.86 -51.52
N3 IMD L . -19.44 14.98 -51.86
C4 IMD L . -20.64 15.64 -51.87
C5 IMD L . -20.38 16.97 -51.53
N1 IMD M . 12.30 1.94 5.95
C2 IMD M . 13.16 3.02 5.97
N3 IMD M . 12.90 3.74 7.10
C4 IMD M . 11.87 3.11 7.79
C5 IMD M . 11.52 1.98 7.05
#